data_8B2W
#
_entry.id   8B2W
#
_cell.length_a   41.812
_cell.length_b   41.812
_cell.length_c   232.864
_cell.angle_alpha   90.000
_cell.angle_beta   90.000
_cell.angle_gamma   120.000
#
_symmetry.space_group_name_H-M   'P 32 2 1'
#
loop_
_entity.id
_entity.type
_entity.pdbx_description
1 polymer Beta-lactamase
2 non-polymer '(2R,4S)-2-[(1R)-1-{[(2R)-2-amino-2-phenylacetyl]amino}-2-oxoethyl]-5,5-dimethyl-1,3-thiazolidine-4-carboxylic acid'
3 water water
#
_entity_poly.entity_id   1
_entity_poly.type   'polypeptide(L)'
_entity_poly.pdbx_seq_one_letter_code
;SAVQQKLAALEKSSGGRLGVALIDTADNTQVLYRGDERFPMCSTSKVMAAAAVLKQSETQKQLLNQPVEIKPADLVNYNP
IAEKHVNGTMTLAELSAAALQYSDNTAMNKLIAQLGGPGGVTAFARAIGDETFRLDRTAPTLNTAIPGDPRDTTTPRAMA
QTLRQLTLGHALGETQRAQLVTWLKGNTTGAASIRAGLPTSWTVGDKTGSGDYGTTNDIAVIWPQGRAPLVLVTYFTQPQ
QNAESRRDVLASAARIIAEG
;
_entity_poly.pdbx_strand_id   A
#
# COMPACT_ATOMS: atom_id res chain seq x y z
N SER A 1 20.39 18.18 -1.98
CA SER A 1 19.48 19.14 -1.34
C SER A 1 19.47 18.95 0.17
N ALA A 2 18.64 19.73 0.86
CA ALA A 2 18.58 19.66 2.32
C ALA A 2 17.79 18.45 2.80
N VAL A 3 16.65 18.16 2.17
CA VAL A 3 15.83 17.03 2.60
C VAL A 3 16.57 15.71 2.37
N GLN A 4 17.31 15.61 1.25
CA GLN A 4 18.07 14.39 0.99
C GLN A 4 19.13 14.14 2.05
N GLN A 5 19.73 15.21 2.59
CA GLN A 5 20.74 15.01 3.64
C GLN A 5 20.13 14.45 4.91
N LYS A 6 18.95 14.95 5.30
CA LYS A 6 18.34 14.47 6.53
C LYS A 6 17.75 13.07 6.36
N LEU A 7 17.17 12.79 5.19
CA LEU A 7 16.71 11.42 4.92
C LEU A 7 17.87 10.45 4.90
N ALA A 8 18.98 10.84 4.26
CA ALA A 8 20.18 10.01 4.31
C ALA A 8 20.73 9.92 5.73
N ALA A 9 20.52 10.96 6.54
CA ALA A 9 21.00 10.94 7.91
C ALA A 9 20.22 9.94 8.76
N LEU A 10 18.89 9.95 8.65
CA LEU A 10 18.10 9.02 9.45
C LEU A 10 18.21 7.59 8.94
N GLU A 11 18.51 7.39 7.65
CA GLU A 11 18.80 6.05 7.17
C GLU A 11 20.06 5.49 7.82
N LYS A 12 21.11 6.32 7.92
CA LYS A 12 22.32 5.90 8.60
C LYS A 12 22.07 5.58 10.06
N SER A 13 21.21 6.38 10.72
CA SER A 13 20.92 6.15 12.13
C SER A 13 20.09 4.90 12.36
N SER A 14 19.40 4.40 11.32
CA SER A 14 18.52 3.26 11.47
C SER A 14 19.22 1.93 11.24
N GLY A 15 20.33 1.91 10.50
CA GLY A 15 20.97 0.67 10.13
C GLY A 15 20.31 -0.09 9.02
N GLY A 16 19.29 0.49 8.38
CA GLY A 16 18.60 -0.17 7.29
C GLY A 16 18.67 0.59 5.99
N ARG A 17 17.74 0.31 5.08
CA ARG A 17 17.70 0.91 3.75
C ARG A 17 16.36 1.59 3.54
N LEU A 18 16.38 2.92 3.40
CA LEU A 18 15.18 3.73 3.28
C LEU A 18 14.89 4.06 1.83
N GLY A 19 13.62 4.01 1.46
CA GLY A 19 13.16 4.48 0.16
C GLY A 19 11.97 5.40 0.29
N VAL A 20 12.08 6.62 -0.26
CA VAL A 20 11.07 7.65 -0.11
C VAL A 20 10.76 8.25 -1.47
N ALA A 21 9.48 8.55 -1.70
CA ALA A 21 9.07 9.27 -2.90
C ALA A 21 7.85 10.11 -2.56
N LEU A 22 7.94 11.43 -2.72
CA LEU A 22 6.81 12.33 -2.56
C LEU A 22 6.55 13.02 -3.88
N ILE A 23 5.28 13.10 -4.27
CA ILE A 23 4.86 13.83 -5.47
C ILE A 23 4.15 15.09 -5.02
N ASP A 24 4.77 16.24 -5.29
CA ASP A 24 4.16 17.53 -5.01
C ASP A 24 3.33 17.92 -6.22
N THR A 25 2.02 17.68 -6.14
CA THR A 25 1.13 17.90 -7.27
C THR A 25 0.84 19.38 -7.52
N ALA A 26 1.49 20.29 -6.80
CA ALA A 26 1.33 21.71 -7.09
C ALA A 26 2.15 22.11 -8.29
N ASP A 27 3.43 21.73 -8.31
CA ASP A 27 4.31 21.97 -9.44
C ASP A 27 4.71 20.68 -10.16
N ASN A 28 4.04 19.57 -9.84
CA ASN A 28 4.39 18.25 -10.39
C ASN A 28 5.86 17.91 -10.15
N THR A 29 6.42 18.42 -9.05
CA THR A 29 7.79 18.12 -8.68
C THR A 29 7.86 16.90 -7.77
N GLN A 30 9.06 16.36 -7.65
CA GLN A 30 9.28 15.10 -6.96
C GLN A 30 10.52 15.21 -6.09
N VAL A 31 10.43 14.67 -4.87
CA VAL A 31 11.58 14.45 -4.02
C VAL A 31 11.71 12.96 -3.79
N LEU A 32 12.88 12.41 -4.10
CA LEU A 32 13.09 10.97 -4.07
C LEU A 32 14.36 10.64 -3.30
N TYR A 33 14.31 9.51 -2.58
CA TYR A 33 15.48 8.95 -1.93
C TYR A 33 15.48 7.46 -2.21
N ARG A 34 16.48 6.98 -2.95
CA ARG A 34 16.49 5.61 -3.46
C ARG A 34 15.19 5.31 -4.21
N GLY A 35 14.70 6.33 -4.93
CA GLY A 35 13.39 6.26 -5.55
C GLY A 35 13.27 5.25 -6.68
N ASP A 36 14.39 4.86 -7.28
CA ASP A 36 14.40 3.87 -8.35
C ASP A 36 14.91 2.52 -7.87
N GLU A 37 14.95 2.30 -6.56
CA GLU A 37 15.42 1.05 -5.98
C GLU A 37 14.25 0.11 -5.73
N ARG A 38 14.53 -1.19 -5.78
CA ARG A 38 13.50 -2.19 -5.53
C ARG A 38 13.35 -2.43 -4.03
N PHE A 39 12.10 -2.36 -3.55
CA PHE A 39 11.75 -2.68 -2.18
C PHE A 39 10.61 -3.68 -2.17
N PRO A 40 10.59 -4.59 -1.18
CA PRO A 40 9.41 -5.45 -1.00
C PRO A 40 8.21 -4.62 -0.58
N MET A 41 7.09 -4.79 -1.29
CA MET A 41 5.91 -3.99 -0.96
C MET A 41 5.18 -4.55 0.25
N CYS A 42 5.22 -5.86 0.46
CA CYS A 42 4.50 -6.54 1.55
C CYS A 42 3.02 -6.19 1.37
N SER A 43 2.31 -5.82 2.42
CA SER A 43 0.87 -5.59 2.35
C SER A 43 0.48 -4.28 1.67
N THR A 44 1.44 -3.43 1.28
CA THR A 44 1.08 -2.25 0.52
C THR A 44 0.59 -2.59 -0.88
N SER A 45 0.86 -3.82 -1.35
CA SER A 45 0.35 -4.27 -2.64
C SER A 45 -1.15 -4.53 -2.62
N LYS A 46 -1.78 -4.52 -1.45
CA LYS A 46 -3.22 -4.75 -1.39
C LYS A 46 -4.00 -3.59 -2.03
N VAL A 47 -3.41 -2.40 -2.07
CA VAL A 47 -4.05 -1.28 -2.75
C VAL A 47 -4.22 -1.60 -4.24
N MET A 48 -3.22 -2.22 -4.84
N MET A 48 -3.21 -2.22 -4.84
CA MET A 48 -3.32 -2.57 -6.25
CA MET A 48 -3.30 -2.58 -6.25
C MET A 48 -4.36 -3.64 -6.50
C MET A 48 -4.38 -3.63 -6.49
N ALA A 49 -4.53 -4.57 -5.56
CA ALA A 49 -5.54 -5.62 -5.74
C ALA A 49 -6.94 -5.06 -5.53
N ALA A 50 -7.12 -4.14 -4.59
CA ALA A 50 -8.42 -3.52 -4.38
C ALA A 50 -8.78 -2.60 -5.54
N ALA A 51 -7.81 -1.85 -6.06
CA ALA A 51 -8.07 -0.98 -7.20
C ALA A 51 -8.40 -1.79 -8.45
N ALA A 52 -7.79 -2.97 -8.60
CA ALA A 52 -8.06 -3.79 -9.78
C ALA A 52 -9.47 -4.35 -9.75
N VAL A 53 -9.97 -4.72 -8.57
CA VAL A 53 -11.36 -5.15 -8.47
C VAL A 53 -12.31 -3.99 -8.71
N LEU A 54 -11.95 -2.80 -8.21
CA LEU A 54 -12.75 -1.61 -8.48
C LEU A 54 -12.82 -1.32 -9.98
N LYS A 55 -11.71 -1.54 -10.69
CA LYS A 55 -11.73 -1.36 -12.14
C LYS A 55 -12.67 -2.36 -12.80
N GLN A 56 -12.71 -3.59 -12.26
CA GLN A 56 -13.65 -4.58 -12.76
C GLN A 56 -15.09 -4.16 -12.51
N SER A 57 -15.32 -3.33 -11.50
CA SER A 57 -16.66 -2.87 -11.16
CA SER A 57 -16.66 -2.88 -11.17
C SER A 57 -17.20 -1.82 -12.12
N GLU A 58 -16.36 -1.27 -13.00
CA GLU A 58 -16.84 -0.28 -13.96
C GLU A 58 -17.60 -0.89 -15.13
N THR A 59 -17.57 -2.22 -15.29
CA THR A 59 -18.46 -2.91 -16.21
C THR A 59 -19.49 -3.76 -15.48
N GLN A 60 -19.06 -4.57 -14.51
CA GLN A 60 -20.00 -5.27 -13.64
C GLN A 60 -20.30 -4.36 -12.46
N LYS A 61 -21.34 -3.54 -12.62
CA LYS A 61 -21.66 -2.51 -11.64
C LYS A 61 -21.96 -3.09 -10.27
N GLN A 62 -22.54 -4.28 -10.21
CA GLN A 62 -23.02 -4.87 -8.96
C GLN A 62 -22.06 -5.92 -8.44
N LEU A 63 -20.76 -5.65 -8.52
CA LEU A 63 -19.74 -6.64 -8.17
C LEU A 63 -19.35 -6.61 -6.70
N LEU A 64 -19.30 -5.42 -6.08
CA LEU A 64 -18.91 -5.32 -4.68
C LEU A 64 -19.88 -6.03 -3.75
N ASN A 65 -21.11 -6.27 -4.19
CA ASN A 65 -22.11 -6.96 -3.38
C ASN A 65 -22.09 -8.47 -3.57
N GLN A 66 -21.25 -8.98 -4.47
CA GLN A 66 -21.20 -10.41 -4.73
C GLN A 66 -20.63 -11.15 -3.53
N PRO A 67 -21.35 -12.10 -2.94
CA PRO A 67 -20.82 -12.81 -1.78
C PRO A 67 -19.73 -13.78 -2.18
N VAL A 68 -18.82 -14.03 -1.24
CA VAL A 68 -17.72 -14.96 -1.41
C VAL A 68 -17.55 -15.77 -0.13
N GLU A 69 -17.52 -17.09 -0.27
CA GLU A 69 -17.41 -17.97 0.90
C GLU A 69 -16.09 -17.77 1.62
N ILE A 70 -16.13 -17.83 2.95
CA ILE A 70 -14.96 -17.93 3.80
C ILE A 70 -15.07 -19.23 4.58
N LYS A 71 -14.05 -20.07 4.49
CA LYS A 71 -14.10 -21.42 5.05
C LYS A 71 -12.69 -21.83 5.44
N PRO A 72 -12.54 -22.81 6.36
CA PRO A 72 -11.27 -22.94 7.11
C PRO A 72 -10.02 -23.05 6.24
N ALA A 73 -10.10 -23.69 5.08
CA ALA A 73 -8.91 -23.81 4.24
C ALA A 73 -8.39 -22.47 3.75
N ASP A 74 -9.22 -21.43 3.80
CA ASP A 74 -8.83 -20.13 3.27
C ASP A 74 -7.96 -19.33 4.23
N LEU A 75 -7.99 -19.66 5.52
CA LEU A 75 -7.34 -18.82 6.53
C LEU A 75 -5.84 -19.09 6.57
N VAL A 76 -5.08 -18.01 6.79
CA VAL A 76 -3.62 -18.11 6.84
C VAL A 76 -3.10 -17.48 8.13
N ASN A 77 -1.94 -16.81 8.07
CA ASN A 77 -1.25 -16.38 9.28
C ASN A 77 -2.01 -15.27 10.00
N TYR A 78 -2.52 -14.28 9.27
CA TYR A 78 -3.14 -13.11 9.89
C TYR A 78 -4.43 -12.78 9.15
N ASN A 79 -5.57 -13.01 9.80
CA ASN A 79 -6.89 -12.76 9.22
C ASN A 79 -7.80 -12.18 10.29
N PRO A 80 -7.71 -10.87 10.54
CA PRO A 80 -8.48 -10.28 11.64
C PRO A 80 -9.97 -10.18 11.36
N ILE A 81 -10.38 -10.09 10.10
CA ILE A 81 -11.78 -9.87 9.74
C ILE A 81 -12.42 -11.14 9.17
N ALA A 82 -11.75 -11.81 8.23
CA ALA A 82 -12.28 -13.04 7.66
C ALA A 82 -12.38 -14.16 8.68
N GLU A 83 -11.71 -14.03 9.83
CA GLU A 83 -11.85 -15.00 10.90
C GLU A 83 -13.25 -14.96 11.51
N LYS A 84 -13.93 -13.82 11.44
CA LYS A 84 -15.25 -13.67 12.02
C LYS A 84 -16.34 -14.26 11.15
N HIS A 85 -16.06 -14.54 9.87
CA HIS A 85 -17.08 -14.97 8.92
C HIS A 85 -16.75 -16.34 8.32
N VAL A 86 -16.07 -17.19 9.08
N VAL A 86 -16.06 -17.19 9.09
CA VAL A 86 -15.78 -18.54 8.62
CA VAL A 86 -15.78 -18.54 8.62
C VAL A 86 -17.07 -19.32 8.49
C VAL A 86 -17.08 -19.31 8.47
N ASN A 87 -17.16 -20.15 7.43
CA ASN A 87 -18.36 -20.91 7.09
C ASN A 87 -19.55 -20.00 6.79
N GLY A 88 -19.29 -18.73 6.52
CA GLY A 88 -20.28 -17.81 6.00
C GLY A 88 -19.74 -17.17 4.75
N THR A 89 -20.36 -16.09 4.29
CA THR A 89 -19.88 -15.40 3.10
C THR A 89 -19.44 -13.98 3.45
N MET A 90 -18.77 -13.36 2.49
CA MET A 90 -18.22 -12.01 2.65
C MET A 90 -18.22 -11.37 1.27
N THR A 91 -18.92 -10.25 1.12
CA THR A 91 -18.97 -9.61 -0.18
C THR A 91 -17.62 -9.00 -0.51
N LEU A 92 -17.43 -8.72 -1.81
CA LEU A 92 -16.14 -8.21 -2.26
C LEU A 92 -15.83 -6.82 -1.71
N ALA A 93 -16.85 -6.07 -1.31
CA ALA A 93 -16.61 -4.77 -0.68
C ALA A 93 -16.08 -4.94 0.74
N GLU A 94 -16.67 -5.85 1.51
CA GLU A 94 -16.20 -6.09 2.88
C GLU A 94 -14.86 -6.81 2.91
N LEU A 95 -14.50 -7.54 1.86
CA LEU A 95 -13.14 -8.09 1.78
C LEU A 95 -12.15 -7.03 1.36
N SER A 96 -12.55 -6.12 0.46
CA SER A 96 -11.69 -5.00 0.10
C SER A 96 -11.46 -4.10 1.30
N ALA A 97 -12.51 -3.84 2.09
CA ALA A 97 -12.33 -3.04 3.29
C ALA A 97 -11.48 -3.77 4.33
N ALA A 98 -11.64 -5.08 4.43
CA ALA A 98 -10.81 -5.86 5.35
C ALA A 98 -9.35 -5.85 4.93
N ALA A 99 -9.10 -5.93 3.62
CA ALA A 99 -7.73 -5.94 3.13
C ALA A 99 -7.05 -4.59 3.33
N LEU A 100 -7.78 -3.49 3.12
CA LEU A 100 -7.16 -2.17 3.19
C LEU A 100 -7.06 -1.65 4.62
N GLN A 101 -8.14 -1.75 5.39
CA GLN A 101 -8.17 -1.10 6.70
C GLN A 101 -7.73 -2.00 7.84
N TYR A 102 -7.63 -3.32 7.63
CA TYR A 102 -7.11 -4.22 8.66
C TYR A 102 -6.01 -5.13 8.15
N SER A 103 -5.60 -5.01 6.88
CA SER A 103 -4.53 -5.82 6.31
C SER A 103 -4.82 -7.31 6.44
N ASP A 104 -6.08 -7.69 6.23
CA ASP A 104 -6.47 -9.09 6.26
C ASP A 104 -5.85 -9.83 5.08
N ASN A 105 -5.04 -10.85 5.37
CA ASN A 105 -4.36 -11.59 4.31
C ASN A 105 -5.31 -12.53 3.57
N THR A 106 -6.29 -13.11 4.26
CA THR A 106 -7.30 -13.92 3.58
C THR A 106 -8.10 -13.07 2.61
N ALA A 107 -8.42 -11.83 3.01
CA ALA A 107 -9.14 -10.91 2.12
C ALA A 107 -8.34 -10.61 0.87
N MET A 108 -7.04 -10.33 1.04
CA MET A 108 -6.13 -10.21 -0.11
C MET A 108 -6.24 -11.40 -1.05
N ASN A 109 -6.09 -12.61 -0.52
CA ASN A 109 -6.09 -13.80 -1.37
C ASN A 109 -7.42 -13.96 -2.10
N LYS A 110 -8.52 -13.57 -1.46
CA LYS A 110 -9.81 -13.58 -2.15
C LYS A 110 -9.87 -12.50 -3.23
N LEU A 111 -9.25 -11.35 -2.97
CA LEU A 111 -9.11 -10.33 -3.99
C LEU A 111 -8.26 -10.84 -5.15
N ILE A 112 -7.20 -11.57 -4.84
CA ILE A 112 -6.31 -12.11 -5.87
C ILE A 112 -7.01 -13.17 -6.69
N ALA A 113 -7.80 -14.04 -6.04
CA ALA A 113 -8.52 -15.07 -6.76
C ALA A 113 -9.58 -14.46 -7.68
N GLN A 114 -10.21 -13.37 -7.24
CA GLN A 114 -11.22 -12.71 -8.06
C GLN A 114 -10.62 -12.17 -9.35
N LEU A 115 -9.34 -11.81 -9.33
CA LEU A 115 -8.65 -11.27 -10.49
C LEU A 115 -7.97 -12.36 -11.32
N GLY A 116 -8.08 -13.62 -10.92
CA GLY A 116 -7.49 -14.71 -11.67
C GLY A 116 -6.05 -15.04 -11.31
N GLY A 117 -5.60 -14.67 -10.12
CA GLY A 117 -4.24 -14.95 -9.71
C GLY A 117 -3.41 -13.69 -9.59
N PRO A 118 -2.20 -13.82 -9.05
CA PRO A 118 -1.33 -12.64 -8.91
C PRO A 118 -0.99 -11.99 -10.24
N GLY A 119 -0.99 -12.76 -11.34
CA GLY A 119 -0.78 -12.17 -12.64
C GLY A 119 -1.89 -11.21 -13.05
N GLY A 120 -3.09 -11.41 -12.52
CA GLY A 120 -4.16 -10.48 -12.78
C GLY A 120 -3.97 -9.15 -12.06
N VAL A 121 -3.28 -9.17 -10.92
CA VAL A 121 -2.97 -7.93 -10.21
C VAL A 121 -1.90 -7.14 -10.96
N THR A 122 -0.82 -7.83 -11.37
CA THR A 122 0.23 -7.18 -12.14
C THR A 122 -0.31 -6.65 -13.46
N ALA A 123 -1.28 -7.36 -14.05
CA ALA A 123 -1.88 -6.92 -15.30
C ALA A 123 -2.51 -5.55 -15.15
N PHE A 124 -3.28 -5.34 -14.07
CA PHE A 124 -3.93 -4.06 -13.86
C PHE A 124 -2.91 -2.94 -13.70
N ALA A 125 -1.78 -3.24 -13.07
CA ALA A 125 -0.73 -2.24 -12.91
C ALA A 125 -0.16 -1.83 -14.26
N ARG A 126 0.07 -2.80 -15.16
CA ARG A 126 0.58 -2.48 -16.48
C ARG A 126 -0.45 -1.71 -17.31
N ALA A 127 -1.74 -2.01 -17.12
CA ALA A 127 -2.78 -1.32 -17.88
C ALA A 127 -2.85 0.15 -17.52
N ILE A 128 -2.58 0.51 -16.27
CA ILE A 128 -2.66 1.90 -15.82
C ILE A 128 -1.29 2.55 -15.90
N GLY A 129 -0.33 1.85 -16.50
CA GLY A 129 0.95 2.43 -16.84
C GLY A 129 2.09 2.16 -15.89
N ASP A 130 1.97 1.21 -14.97
CA ASP A 130 3.03 0.88 -14.03
C ASP A 130 3.75 -0.34 -14.58
N GLU A 131 5.00 -0.14 -15.01
CA GLU A 131 5.85 -1.20 -15.53
C GLU A 131 6.73 -1.82 -14.45
N THR A 132 6.80 -1.21 -13.26
CA THR A 132 7.69 -1.67 -12.20
C THR A 132 7.02 -2.65 -11.24
N PHE A 133 5.76 -2.39 -10.88
CA PHE A 133 5.04 -3.25 -9.96
C PHE A 133 4.98 -4.68 -10.49
N ARG A 134 5.21 -5.64 -9.60
CA ARG A 134 5.04 -7.05 -9.94
C ARG A 134 4.59 -7.81 -8.70
N LEU A 135 3.47 -8.50 -8.81
CA LEU A 135 2.97 -9.38 -7.76
C LEU A 135 3.14 -10.82 -8.22
N ASP A 136 3.88 -11.61 -7.44
CA ASP A 136 4.23 -12.96 -7.82
C ASP A 136 3.56 -14.03 -6.98
N ARG A 137 3.27 -13.73 -5.71
CA ARG A 137 2.77 -14.73 -4.78
C ARG A 137 1.56 -14.17 -4.03
N THR A 138 0.82 -15.08 -3.40
CA THR A 138 -0.27 -14.69 -2.53
C THR A 138 0.25 -14.51 -1.11
N ALA A 139 -0.64 -14.04 -0.23
CA ALA A 139 -0.30 -13.92 1.18
C ALA A 139 -0.28 -15.30 1.83
N PRO A 140 0.61 -15.54 2.80
CA PRO A 140 1.56 -14.60 3.41
C PRO A 140 2.95 -14.63 2.79
N THR A 141 3.25 -15.56 1.89
CA THR A 141 4.62 -15.72 1.39
C THR A 141 5.10 -14.53 0.56
N LEU A 142 4.22 -13.59 0.21
CA LEU A 142 4.67 -12.39 -0.48
C LEU A 142 5.41 -11.44 0.45
N ASN A 143 5.45 -11.72 1.75
CA ASN A 143 6.11 -10.88 2.75
C ASN A 143 7.49 -11.40 3.13
N THR A 144 8.05 -12.35 2.37
CA THR A 144 9.35 -12.90 2.73
C THR A 144 10.44 -11.83 2.69
N ALA A 145 10.36 -10.91 1.74
CA ALA A 145 11.19 -9.70 1.71
C ALA A 145 12.68 -10.04 1.72
N ILE A 146 13.07 -11.07 0.98
CA ILE A 146 14.47 -11.49 0.93
C ILE A 146 15.28 -10.47 0.13
N PRO A 147 16.45 -10.04 0.61
CA PRO A 147 17.22 -9.03 -0.11
C PRO A 147 17.67 -9.53 -1.48
N GLY A 148 17.49 -8.68 -2.49
CA GLY A 148 17.83 -9.03 -3.85
C GLY A 148 16.76 -9.79 -4.60
N ASP A 149 15.68 -10.21 -3.94
CA ASP A 149 14.64 -10.98 -4.60
C ASP A 149 13.69 -10.02 -5.32
N PRO A 150 13.59 -10.10 -6.66
CA PRO A 150 12.67 -9.21 -7.39
C PRO A 150 11.21 -9.52 -7.16
N ARG A 151 10.89 -10.69 -6.59
CA ARG A 151 9.50 -11.10 -6.43
C ARG A 151 8.76 -10.17 -5.47
N ASP A 152 7.57 -9.74 -5.88
CA ASP A 152 6.68 -8.90 -5.07
C ASP A 152 7.37 -7.61 -4.63
N THR A 153 7.91 -6.88 -5.61
CA THR A 153 8.65 -5.65 -5.35
C THR A 153 8.13 -4.53 -6.25
N THR A 154 8.55 -3.32 -5.91
CA THR A 154 8.33 -2.13 -6.73
C THR A 154 9.32 -1.07 -6.24
N THR A 155 9.34 0.06 -6.93
CA THR A 155 10.15 1.20 -6.53
C THR A 155 9.30 2.28 -5.90
N PRO A 156 9.89 3.11 -5.04
CA PRO A 156 9.12 4.24 -4.47
C PRO A 156 8.54 5.17 -5.52
N ARG A 157 9.31 5.46 -6.58
CA ARG A 157 8.82 6.36 -7.63
C ARG A 157 7.59 5.79 -8.31
N ALA A 158 7.65 4.51 -8.70
CA ALA A 158 6.54 3.92 -9.45
C ALA A 158 5.29 3.81 -8.60
N MET A 159 5.43 3.45 -7.33
CA MET A 159 4.25 3.25 -6.50
C MET A 159 3.62 4.58 -6.11
N ALA A 160 4.42 5.65 -6.00
CA ALA A 160 3.85 6.97 -5.74
C ALA A 160 3.09 7.49 -6.95
N GLN A 161 3.66 7.32 -8.15
CA GLN A 161 2.96 7.71 -9.37
C GLN A 161 1.68 6.92 -9.55
N THR A 162 1.71 5.62 -9.26
CA THR A 162 0.52 4.79 -9.41
C THR A 162 -0.54 5.18 -8.40
N LEU A 163 -0.15 5.34 -7.12
CA LEU A 163 -1.13 5.71 -6.10
C LEU A 163 -1.74 7.07 -6.38
N ARG A 164 -0.99 7.97 -7.05
CA ARG A 164 -1.57 9.25 -7.45
C ARG A 164 -2.63 9.06 -8.52
N GLN A 165 -2.37 8.18 -9.49
N GLN A 165 -2.38 8.17 -9.48
CA GLN A 165 -3.34 7.96 -10.56
CA GLN A 165 -3.34 7.96 -10.56
C GLN A 165 -4.60 7.27 -10.04
C GLN A 165 -4.59 7.23 -10.07
N LEU A 166 -4.47 6.43 -9.01
CA LEU A 166 -5.62 5.70 -8.50
C LEU A 166 -6.50 6.57 -7.59
N THR A 167 -5.88 7.32 -6.68
CA THR A 167 -6.63 8.08 -5.69
C THR A 167 -6.88 9.53 -6.08
N LEU A 168 -6.09 10.09 -6.98
CA LEU A 168 -6.25 11.48 -7.40
C LEU A 168 -6.52 11.61 -8.89
N GLY A 169 -5.82 10.83 -9.72
CA GLY A 169 -6.04 10.85 -11.15
C GLY A 169 -7.34 10.16 -11.55
N HIS A 170 -7.36 9.66 -12.78
CA HIS A 170 -8.56 9.04 -13.32
C HIS A 170 -8.26 7.67 -13.92
N ALA A 171 -7.33 6.93 -13.33
CA ALA A 171 -7.14 5.54 -13.72
C ALA A 171 -8.35 4.70 -13.34
N LEU A 172 -9.10 5.12 -12.33
CA LEU A 172 -10.34 4.50 -11.91
C LEU A 172 -11.51 5.43 -12.21
N GLY A 173 -12.72 4.90 -12.08
CA GLY A 173 -13.90 5.73 -12.16
C GLY A 173 -14.10 6.55 -10.90
N GLU A 174 -14.93 7.59 -11.00
CA GLU A 174 -15.16 8.47 -9.86
C GLU A 174 -15.81 7.73 -8.70
N THR A 175 -16.85 6.94 -9.00
CA THR A 175 -17.42 6.09 -7.97
C THR A 175 -16.39 5.11 -7.42
N GLN A 176 -15.48 4.64 -8.28
CA GLN A 176 -14.41 3.76 -7.82
C GLN A 176 -13.36 4.54 -7.04
N ARG A 177 -12.94 5.68 -7.57
CA ARG A 177 -11.89 6.48 -6.92
C ARG A 177 -12.34 6.97 -5.55
N ALA A 178 -13.58 7.46 -5.45
CA ALA A 178 -14.09 7.90 -4.17
C ALA A 178 -14.17 6.75 -3.18
N GLN A 179 -14.45 5.53 -3.67
CA GLN A 179 -14.54 4.38 -2.78
C GLN A 179 -13.16 3.99 -2.24
N LEU A 180 -12.13 4.00 -3.10
CA LEU A 180 -10.79 3.69 -2.64
C LEU A 180 -10.29 4.76 -1.69
N VAL A 181 -10.58 6.04 -1.98
CA VAL A 181 -10.18 7.13 -1.10
C VAL A 181 -10.85 6.98 0.26
N THR A 182 -12.16 6.72 0.27
CA THR A 182 -12.88 6.51 1.51
C THR A 182 -12.33 5.30 2.27
N TRP A 183 -11.88 4.26 1.55
CA TRP A 183 -11.30 3.10 2.21
C TRP A 183 -9.98 3.45 2.87
N LEU A 184 -9.12 4.20 2.19
CA LEU A 184 -7.81 4.53 2.73
C LEU A 184 -7.92 5.45 3.95
N LYS A 185 -8.97 6.26 4.02
CA LYS A 185 -9.27 6.99 5.25
C LYS A 185 -9.50 6.07 6.43
N GLY A 186 -10.37 5.08 6.25
CA GLY A 186 -10.70 4.13 7.30
C GLY A 186 -9.60 3.20 7.73
N ASN A 187 -8.36 3.39 7.28
CA ASN A 187 -7.27 2.51 7.70
C ASN A 187 -7.07 2.60 9.21
N THR A 188 -6.86 1.45 9.83
CA THR A 188 -6.69 1.36 11.28
C THR A 188 -5.30 0.90 11.70
N THR A 189 -4.39 0.71 10.75
CA THR A 189 -3.09 0.10 11.02
C THR A 189 -1.91 1.06 10.87
N GLY A 190 -2.16 2.33 10.59
CA GLY A 190 -1.06 3.24 10.31
C GLY A 190 -0.88 4.38 11.27
N ALA A 191 -1.24 4.17 12.55
CA ALA A 191 -1.17 5.24 13.53
C ALA A 191 0.27 5.65 13.82
N ALA A 192 1.18 4.69 13.84
CA ALA A 192 2.56 4.94 14.21
C ALA A 192 3.48 5.13 13.00
N SER A 193 2.92 5.19 11.79
CA SER A 193 3.72 5.30 10.58
C SER A 193 3.72 6.72 10.04
N ILE A 194 3.32 6.89 8.77
CA ILE A 194 3.37 8.20 8.13
C ILE A 194 2.52 9.21 8.90
N ARG A 195 1.37 8.77 9.43
CA ARG A 195 0.48 9.66 10.14
C ARG A 195 1.15 10.30 11.35
N ALA A 196 2.04 9.57 12.02
CA ALA A 196 2.68 10.05 13.24
C ALA A 196 3.71 11.14 12.99
N GLY A 197 4.10 11.38 11.73
CA GLY A 197 5.07 12.40 11.43
C GLY A 197 4.48 13.63 10.77
N LEU A 198 3.17 13.62 10.56
CA LEU A 198 2.49 14.69 9.85
C LEU A 198 1.69 15.56 10.81
N PRO A 199 1.48 16.83 10.47
CA PRO A 199 0.61 17.68 11.29
C PRO A 199 -0.75 17.02 11.54
N THR A 200 -1.28 17.24 12.74
CA THR A 200 -2.55 16.61 13.11
C THR A 200 -3.71 17.17 12.30
N SER A 201 -3.60 18.40 11.82
CA SER A 201 -4.62 19.02 10.99
C SER A 201 -4.67 18.45 9.58
N TRP A 202 -3.81 17.48 9.26
CA TRP A 202 -3.69 16.92 7.92
C TRP A 202 -4.49 15.62 7.86
N THR A 203 -5.41 15.53 6.90
CA THR A 203 -6.16 14.30 6.69
C THR A 203 -5.37 13.37 5.76
N VAL A 204 -5.34 12.08 6.11
CA VAL A 204 -4.43 11.13 5.50
C VAL A 204 -5.17 9.84 5.20
N GLY A 205 -4.97 9.31 4.00
CA GLY A 205 -5.34 7.94 3.66
C GLY A 205 -4.08 7.14 3.36
N ASP A 206 -3.97 5.97 3.97
CA ASP A 206 -2.72 5.23 3.92
C ASP A 206 -2.97 3.73 3.96
N LYS A 207 -1.92 2.99 3.59
CA LYS A 207 -1.89 1.53 3.67
C LYS A 207 -0.50 1.11 4.11
N THR A 208 -0.43 0.35 5.19
CA THR A 208 0.83 -0.09 5.75
C THR A 208 1.20 -1.49 5.25
N GLY A 209 2.46 -1.85 5.48
CA GLY A 209 2.93 -3.18 5.14
C GLY A 209 4.14 -3.52 5.97
N SER A 210 4.28 -4.81 6.28
CA SER A 210 5.44 -5.27 7.04
C SER A 210 5.67 -6.74 6.74
N GLY A 211 6.93 -7.15 6.88
CA GLY A 211 7.30 -8.52 6.63
C GLY A 211 8.62 -8.86 7.28
N ASP A 212 9.24 -9.93 6.79
CA ASP A 212 10.53 -10.34 7.32
C ASP A 212 11.62 -9.34 6.95
N TYR A 213 12.80 -9.56 7.52
CA TYR A 213 13.92 -8.62 7.43
C TYR A 213 13.51 -7.23 7.92
N GLY A 214 12.62 -7.18 8.90
CA GLY A 214 12.19 -5.92 9.48
C GLY A 214 11.59 -4.95 8.50
N THR A 215 11.03 -5.45 7.39
CA THR A 215 10.43 -4.58 6.40
C THR A 215 9.25 -3.83 7.02
N THR A 216 9.27 -2.51 6.86
CA THR A 216 8.24 -1.64 7.41
C THR A 216 7.90 -0.60 6.36
N ASN A 217 6.71 -0.72 5.76
CA ASN A 217 6.31 0.11 4.64
C ASN A 217 5.05 0.89 4.95
N ASP A 218 4.84 1.95 4.18
CA ASP A 218 3.62 2.74 4.24
C ASP A 218 3.50 3.63 3.01
N ILE A 219 2.35 3.57 2.34
CA ILE A 219 2.05 4.46 1.23
C ILE A 219 0.84 5.30 1.63
N ALA A 220 0.89 6.60 1.35
CA ALA A 220 -0.14 7.50 1.82
C ALA A 220 -0.39 8.58 0.78
N VAL A 221 -1.63 9.06 0.75
CA VAL A 221 -2.02 10.26 0.02
C VAL A 221 -2.52 11.27 1.04
N ILE A 222 -2.01 12.49 0.97
CA ILE A 222 -2.18 13.48 2.02
C ILE A 222 -2.85 14.72 1.45
N TRP A 223 -3.82 15.25 2.21
CA TRP A 223 -4.58 16.46 1.89
C TRP A 223 -4.45 17.48 3.00
N PRO A 224 -3.46 18.37 2.94
CA PRO A 224 -3.46 19.51 3.86
C PRO A 224 -4.58 20.47 3.50
N GLN A 225 -5.28 20.96 4.51
CA GLN A 225 -6.40 21.85 4.27
C GLN A 225 -5.91 23.18 3.69
N GLY A 226 -6.39 23.52 2.50
CA GLY A 226 -6.01 24.74 1.83
C GLY A 226 -4.86 24.61 0.85
N ARG A 227 -4.28 23.42 0.71
CA ARG A 227 -3.10 23.23 -0.10
C ARG A 227 -3.33 22.09 -1.08
N ALA A 228 -2.45 22.01 -2.07
CA ALA A 228 -2.55 20.99 -3.10
C ALA A 228 -2.14 19.63 -2.51
N PRO A 229 -2.72 18.53 -2.98
CA PRO A 229 -2.50 17.25 -2.31
C PRO A 229 -1.10 16.70 -2.53
N LEU A 230 -0.73 15.77 -1.65
CA LEU A 230 0.54 15.06 -1.71
C LEU A 230 0.29 13.56 -1.63
N VAL A 231 1.15 12.79 -2.28
CA VAL A 231 1.24 11.35 -2.08
C VAL A 231 2.65 11.03 -1.60
N LEU A 232 2.75 10.16 -0.60
CA LEU A 232 4.02 9.85 0.03
C LEU A 232 4.18 8.34 0.11
N VAL A 233 5.37 7.86 -0.26
CA VAL A 233 5.71 6.44 -0.19
C VAL A 233 6.99 6.33 0.63
N THR A 234 6.93 5.54 1.70
CA THR A 234 8.10 5.28 2.55
C THR A 234 8.27 3.77 2.68
N TYR A 235 9.35 3.25 2.11
CA TYR A 235 9.71 1.84 2.20
C TYR A 235 10.98 1.70 3.04
N PHE A 236 11.05 0.64 3.85
CA PHE A 236 12.18 0.46 4.74
C PHE A 236 12.40 -1.03 4.98
N THR A 237 13.65 -1.47 4.84
CA THR A 237 14.01 -2.86 5.06
C THR A 237 15.39 -2.91 5.72
N GLN A 238 15.68 -4.04 6.35
CA GLN A 238 16.84 -4.18 7.23
C GLN A 238 17.63 -5.44 6.91
N PRO A 239 18.91 -5.48 7.28
CA PRO A 239 19.74 -6.63 6.90
C PRO A 239 19.42 -7.92 7.63
N GLN A 240 18.90 -7.86 8.85
CA GLN A 240 18.64 -9.06 9.65
C GLN A 240 17.27 -9.62 9.32
N GLN A 241 17.22 -10.93 9.03
CA GLN A 241 15.94 -11.58 8.71
C GLN A 241 14.93 -11.42 9.85
N ASN A 242 15.41 -11.50 11.10
CA ASN A 242 14.54 -11.43 12.27
C ASN A 242 14.46 -10.03 12.86
N ALA A 243 14.74 -8.99 12.07
CA ALA A 243 14.74 -7.64 12.59
C ALA A 243 13.32 -7.21 12.97
N GLU A 244 13.23 -6.35 13.97
CA GLU A 244 11.94 -5.87 14.44
C GLU A 244 11.46 -4.71 13.56
N SER A 245 10.15 -4.48 13.62
CA SER A 245 9.55 -3.41 12.83
CA SER A 245 9.56 -3.41 12.82
C SER A 245 10.04 -2.05 13.29
N ARG A 246 10.08 -1.09 12.35
CA ARG A 246 10.57 0.26 12.62
C ARG A 246 9.62 1.29 12.03
N ARG A 247 8.39 1.32 12.56
CA ARG A 247 7.43 2.32 12.11
C ARG A 247 7.90 3.74 12.43
N ASP A 248 8.74 3.89 13.45
CA ASP A 248 9.27 5.21 13.82
C ASP A 248 10.09 5.82 12.68
N VAL A 249 10.79 4.99 11.91
CA VAL A 249 11.55 5.51 10.77
C VAL A 249 10.60 6.11 9.74
N LEU A 250 9.44 5.48 9.55
CA LEU A 250 8.47 5.97 8.59
C LEU A 250 7.88 7.30 9.02
N ALA A 251 7.60 7.45 10.32
CA ALA A 251 7.11 8.73 10.83
C ALA A 251 8.18 9.82 10.70
N SER A 252 9.42 9.48 11.02
CA SER A 252 10.50 10.47 10.93
C SER A 252 10.78 10.88 9.50
N ALA A 253 10.64 9.94 8.55
CA ALA A 253 10.79 10.30 7.15
C ALA A 253 9.68 11.26 6.71
N ALA A 254 8.45 11.00 7.13
CA ALA A 254 7.34 11.89 6.79
C ALA A 254 7.51 13.25 7.46
N ARG A 255 8.06 13.27 8.67
CA ARG A 255 8.31 14.55 9.34
C ARG A 255 9.36 15.36 8.59
N ILE A 256 10.41 14.70 8.11
CA ILE A 256 11.42 15.38 7.29
C ILE A 256 10.80 15.85 5.99
N ILE A 257 9.87 15.09 5.44
CA ILE A 257 9.21 15.48 4.19
C ILE A 257 8.25 16.63 4.44
N ALA A 258 7.42 16.54 5.49
CA ALA A 258 6.41 17.54 5.76
C ALA A 258 7.01 18.92 6.03
N GLU A 259 8.27 18.98 6.47
CA GLU A 259 8.93 20.26 6.71
C GLU A 259 9.31 20.97 5.41
N GLY A 260 9.12 20.34 4.26
CA GLY A 260 9.42 20.97 2.98
C GLY A 260 8.36 21.95 2.55
#